data_3KZP
#
_entry.id   3KZP
#
_cell.length_a   59.766
_cell.length_b   92.040
_cell.length_c   96.210
_cell.angle_alpha   90.00
_cell.angle_beta   90.00
_cell.angle_gamma   90.00
#
_symmetry.space_group_name_H-M   'P 21 21 21'
#
loop_
_entity.id
_entity.type
_entity.pdbx_description
1 polymer 'Putative diguanylate cyclase/phosphodiesterase'
2 non-polymer 'CHLORIDE ION'
3 non-polymer 'CALCIUM ION'
4 non-polymer 'CACODYLATE ION'
5 water water
#
_entity_poly.entity_id   1
_entity_poly.type   'polypeptide(L)'
_entity_poly.pdbx_seq_one_letter_code
;(MSE)GL(MSE)KFQLFIQPKLDVLQGNIVEYEILLRDDSAVPRFPLSELEAVLADEELYLAFSEWFSEAFLDVLKKYPN
DRFAINIAPQQLFYIETLHWLDKLKSESHRITVE(MSE)TEDIFDVPGHKRHLNANDKNAFILNKIKVIHGLGYHIAIDD
VSCGLNSLERV(MSE)SYLPYIIEIKFSLIHFKNIPLEDLLLFIKAWANFAQKNKLDFVVEGIETKET(MSE)TLLESHG
VSIFQGYLVNKPFPV
;
_entity_poly.pdbx_strand_id   A,B
#
loop_
_chem_comp.id
_chem_comp.type
_chem_comp.name
_chem_comp.formula
CA non-polymer 'CALCIUM ION' 'Ca 2'
CAC non-polymer 'CACODYLATE ION' 'C2 H6 As O2 -1'
CL non-polymer 'CHLORIDE ION' 'Cl -1'
#
# COMPACT_ATOMS: atom_id res chain seq x y z
N LYS A 5 -29.74 -5.31 -4.73
CA LYS A 5 -29.32 -3.89 -4.53
C LYS A 5 -28.02 -3.56 -5.31
N PHE A 6 -27.62 -4.43 -6.25
CA PHE A 6 -26.41 -4.22 -7.02
C PHE A 6 -26.75 -4.28 -8.51
N GLN A 7 -26.01 -3.51 -9.29
CA GLN A 7 -26.05 -3.63 -10.73
C GLN A 7 -24.66 -3.48 -11.37
N LEU A 8 -24.55 -3.86 -12.63
CA LEU A 8 -23.30 -3.67 -13.36
C LEU A 8 -23.36 -2.50 -14.33
N PHE A 9 -22.29 -1.71 -14.30
CA PHE A 9 -22.07 -0.72 -15.32
C PHE A 9 -20.95 -1.19 -16.17
N ILE A 10 -20.85 -0.60 -17.36
CA ILE A 10 -19.69 -0.78 -18.20
C ILE A 10 -19.02 0.55 -18.51
N GLN A 11 -17.69 0.58 -18.54
CA GLN A 11 -16.95 1.74 -18.99
C GLN A 11 -16.08 1.35 -20.20
N PRO A 12 -16.49 1.77 -21.36
CA PRO A 12 -15.63 1.56 -22.50
C PRO A 12 -14.32 2.26 -22.27
N LYS A 13 -13.18 1.58 -22.51
CA LYS A 13 -11.86 2.19 -22.40
C LYS A 13 -11.40 2.67 -23.75
N LEU A 14 -11.30 3.98 -23.89
CA LEU A 14 -11.08 4.65 -25.13
C LEU A 14 -9.64 5.18 -25.24
N ASP A 15 -8.96 4.76 -26.30
CA ASP A 15 -7.61 5.21 -26.60
C ASP A 15 -7.56 6.69 -26.78
N VAL A 16 -6.59 7.34 -26.16
CA VAL A 16 -6.56 8.78 -26.08
C VAL A 16 -6.32 9.35 -27.48
N LEU A 17 -5.56 8.65 -28.32
CA LEU A 17 -5.05 9.27 -29.55
C LEU A 17 -6.02 9.02 -30.72
N GLN A 18 -6.66 7.87 -30.75
CA GLN A 18 -7.51 7.53 -31.91
C GLN A 18 -8.94 7.15 -31.55
N GLY A 19 -9.17 6.98 -30.25
CA GLY A 19 -10.51 6.88 -29.71
C GLY A 19 -11.10 5.50 -29.89
N ASN A 20 -10.36 4.53 -30.41
CA ASN A 20 -10.88 3.15 -30.44
C ASN A 20 -11.12 2.52 -29.02
N ILE A 21 -12.08 1.59 -28.96
CA ILE A 21 -12.45 0.86 -27.73
C ILE A 21 -11.49 -0.29 -27.49
N VAL A 22 -10.68 -0.19 -26.45
CA VAL A 22 -9.64 -1.19 -26.29
C VAL A 22 -10.25 -2.40 -25.59
N GLU A 23 -11.07 -2.11 -24.58
CA GLU A 23 -11.71 -3.11 -23.77
C GLU A 23 -12.85 -2.39 -23.02
N TYR A 24 -13.72 -3.16 -22.34
CA TYR A 24 -14.72 -2.59 -21.47
C TYR A 24 -14.45 -3.03 -20.03
N GLU A 25 -14.59 -2.12 -19.07
CA GLU A 25 -14.45 -2.41 -17.69
C GLU A 25 -15.84 -2.51 -17.08
N ILE A 26 -16.03 -3.57 -16.33
CA ILE A 26 -17.25 -3.86 -15.57
C ILE A 26 -17.12 -3.24 -14.20
N LEU A 27 -18.11 -2.45 -13.84
CA LEU A 27 -18.07 -1.73 -12.58
C LEU A 27 -19.34 -2.01 -11.79
N LEU A 28 -19.16 -2.23 -10.50
CA LEU A 28 -20.28 -2.38 -9.59
C LEU A 28 -20.90 -1.02 -9.23
N ARG A 29 -22.22 -0.97 -9.23
CA ARG A 29 -22.93 0.23 -8.82
C ARG A 29 -24.10 -0.20 -8.01
N ASP A 30 -24.56 0.69 -7.13
CA ASP A 30 -25.82 0.44 -6.36
C ASP A 30 -27.05 0.80 -7.24
N ASP A 31 -28.22 0.81 -6.61
CA ASP A 31 -29.46 1.17 -7.30
C ASP A 31 -29.89 2.64 -7.03
N SER A 32 -28.93 3.51 -6.76
CA SER A 32 -29.23 4.89 -6.38
C SER A 32 -29.79 5.71 -7.55
N ALA A 33 -30.45 6.80 -7.16
CA ALA A 33 -30.94 7.80 -8.11
C ALA A 33 -29.74 8.23 -8.92
N VAL A 34 -28.64 8.52 -8.24
CA VAL A 34 -27.36 8.66 -8.94
C VAL A 34 -26.48 7.48 -8.46
N PRO A 35 -26.23 6.51 -9.36
CA PRO A 35 -25.48 5.33 -8.93
C PRO A 35 -24.03 5.67 -8.59
N ARG A 36 -23.56 5.06 -7.51
CA ARG A 36 -22.18 5.17 -7.11
C ARG A 36 -21.68 3.77 -6.73
N PHE A 37 -20.37 3.60 -6.63
CA PHE A 37 -19.80 2.34 -6.14
C PHE A 37 -20.39 2.03 -4.73
N PRO A 38 -20.91 0.80 -4.51
CA PRO A 38 -21.64 0.54 -3.27
C PRO A 38 -20.68 0.04 -2.21
N LEU A 39 -19.87 0.95 -1.66
CA LEU A 39 -18.74 0.56 -0.80
C LEU A 39 -19.21 -0.18 0.51
N SER A 40 -20.09 0.45 1.27
CA SER A 40 -20.62 -0.15 2.44
C SER A 40 -21.30 -1.52 2.17
N GLU A 41 -22.07 -1.58 1.08
CA GLU A 41 -22.78 -2.81 0.73
C GLU A 41 -21.81 -3.96 0.37
N LEU A 42 -20.80 -3.69 -0.45
CA LEU A 42 -19.83 -4.67 -0.81
C LEU A 42 -19.04 -5.11 0.40
N GLU A 43 -18.71 -4.18 1.32
CA GLU A 43 -18.04 -4.61 2.59
C GLU A 43 -18.91 -5.50 3.45
N ALA A 44 -20.20 -5.22 3.49
CA ALA A 44 -21.11 -6.10 4.30
C ALA A 44 -21.20 -7.55 3.73
N VAL A 45 -21.22 -7.64 2.41
CA VAL A 45 -21.19 -8.89 1.65
C VAL A 45 -19.88 -9.59 1.87
N LEU A 46 -18.77 -8.86 1.87
CA LEU A 46 -17.46 -9.47 2.12
C LEU A 46 -17.36 -9.97 3.56
N ALA A 47 -18.10 -9.40 4.50
CA ALA A 47 -17.98 -9.83 5.91
C ALA A 47 -18.82 -11.08 6.26
N ASP A 48 -19.62 -11.59 5.33
CA ASP A 48 -20.55 -12.70 5.64
C ASP A 48 -20.53 -13.73 4.50
N GLU A 49 -20.10 -14.94 4.79
CA GLU A 49 -19.86 -15.94 3.73
C GLU A 49 -21.11 -16.28 2.90
N GLU A 50 -22.24 -16.38 3.58
CA GLU A 50 -23.49 -16.62 2.92
C GLU A 50 -23.88 -15.51 1.98
N LEU A 51 -23.69 -14.26 2.39
CA LEU A 51 -23.99 -13.16 1.48
C LEU A 51 -23.00 -13.10 0.38
N TYR A 52 -21.75 -13.45 0.67
CA TYR A 52 -20.75 -13.41 -0.36
C TYR A 52 -21.05 -14.48 -1.43
N LEU A 53 -21.53 -15.67 -0.99
CA LEU A 53 -21.94 -16.72 -1.94
C LEU A 53 -23.08 -16.22 -2.88
N ALA A 54 -24.09 -15.62 -2.28
CA ALA A 54 -25.23 -15.07 -3.01
C ALA A 54 -24.79 -13.93 -3.97
N PHE A 55 -23.88 -13.05 -3.51
CA PHE A 55 -23.35 -11.96 -4.39
C PHE A 55 -22.55 -12.52 -5.56
N SER A 56 -21.69 -13.52 -5.26
CA SER A 56 -20.85 -14.19 -6.25
C SER A 56 -21.70 -14.85 -7.33
N GLU A 57 -22.80 -15.48 -6.93
CA GLU A 57 -23.70 -16.12 -7.87
C GLU A 57 -24.38 -15.10 -8.75
N TRP A 58 -24.87 -14.00 -8.16
CA TRP A 58 -25.37 -12.89 -8.92
C TRP A 58 -24.33 -12.30 -9.89
N PHE A 59 -23.16 -12.01 -9.37
CA PHE A 59 -22.16 -11.32 -10.19
C PHE A 59 -21.74 -12.13 -11.40
N SER A 60 -21.44 -13.41 -11.16
CA SER A 60 -20.85 -14.24 -12.17
C SER A 60 -21.88 -14.49 -13.29
N GLU A 61 -23.16 -14.67 -12.91
CA GLU A 61 -24.21 -14.88 -13.89
C GLU A 61 -24.47 -13.60 -14.67
N ALA A 62 -24.51 -12.47 -13.96
CA ALA A 62 -24.68 -11.17 -14.63
C ALA A 62 -23.53 -10.92 -15.60
N PHE A 63 -22.31 -11.23 -15.17
CA PHE A 63 -21.15 -10.98 -16.04
C PHE A 63 -21.13 -11.95 -17.23
N LEU A 64 -21.55 -13.19 -17.02
CA LEU A 64 -21.62 -14.11 -18.11
C LEU A 64 -22.64 -13.62 -19.17
N ASP A 65 -23.79 -13.10 -18.73
CA ASP A 65 -24.78 -12.46 -19.68
C ASP A 65 -24.12 -11.37 -20.55
N VAL A 66 -23.31 -10.53 -19.90
CA VAL A 66 -22.53 -9.48 -20.60
C VAL A 66 -21.62 -10.07 -21.64
N LEU A 67 -20.81 -11.05 -21.24
CA LEU A 67 -19.86 -11.70 -22.15
C LEU A 67 -20.54 -12.22 -23.45
N LYS A 68 -21.72 -12.82 -23.30
CA LYS A 68 -22.50 -13.38 -24.39
C LYS A 68 -23.01 -12.30 -25.31
N LYS A 69 -23.41 -11.18 -24.71
CA LYS A 69 -23.87 -10.02 -25.43
C LYS A 69 -22.79 -9.36 -26.32
N TYR A 70 -21.55 -9.30 -25.80
CA TYR A 70 -20.39 -8.76 -26.53
C TYR A 70 -19.35 -9.89 -26.68
N PRO A 71 -19.55 -10.80 -27.64
CA PRO A 71 -18.63 -11.96 -27.71
C PRO A 71 -17.27 -11.68 -28.33
N ASN A 72 -17.10 -10.52 -28.97
CA ASN A 72 -15.78 -10.22 -29.57
C ASN A 72 -14.82 -9.35 -28.81
N ASP A 73 -15.16 -8.97 -27.59
CA ASP A 73 -14.38 -7.94 -26.90
C ASP A 73 -13.76 -8.43 -25.57
N ARG A 74 -12.71 -7.72 -25.15
CA ARG A 74 -12.12 -7.93 -23.84
C ARG A 74 -12.86 -7.16 -22.78
N PHE A 75 -13.05 -7.83 -21.65
CA PHE A 75 -13.68 -7.28 -20.46
C PHE A 75 -12.73 -7.30 -19.27
N ALA A 76 -12.62 -6.17 -18.54
CA ALA A 76 -11.82 -6.06 -17.28
C ALA A 76 -12.80 -6.11 -16.09
N ILE A 77 -12.53 -6.95 -15.13
CA ILE A 77 -13.33 -7.00 -13.85
C ILE A 77 -12.41 -6.71 -12.68
N ASN A 78 -12.92 -6.14 -11.61
CA ASN A 78 -12.11 -5.73 -10.50
C ASN A 78 -12.29 -6.73 -9.45
N ILE A 79 -11.23 -7.22 -8.86
CA ILE A 79 -11.34 -8.11 -7.76
C ILE A 79 -10.44 -7.55 -6.66
N ALA A 80 -10.97 -7.38 -5.44
CA ALA A 80 -10.21 -6.99 -4.29
C ALA A 80 -9.42 -8.20 -3.73
N PRO A 81 -8.20 -7.97 -3.28
CA PRO A 81 -7.41 -9.13 -2.88
C PRO A 81 -8.08 -9.94 -1.80
N GLN A 82 -8.90 -9.29 -0.95
CA GLN A 82 -9.56 -9.99 0.15
C GLN A 82 -10.66 -10.95 -0.30
N GLN A 83 -11.15 -10.77 -1.51
CA GLN A 83 -12.12 -11.69 -2.07
C GLN A 83 -11.49 -13.06 -2.36
N LEU A 84 -10.16 -13.09 -2.48
CA LEU A 84 -9.45 -14.33 -2.70
C LEU A 84 -9.41 -15.30 -1.51
N PHE A 85 -9.76 -14.84 -0.30
CA PHE A 85 -9.87 -15.66 0.91
C PHE A 85 -11.14 -16.51 0.94
N TYR A 86 -12.05 -16.23 0.01
CA TYR A 86 -13.28 -17.05 -0.18
C TYR A 86 -13.09 -18.00 -1.34
N ILE A 87 -13.26 -19.30 -1.11
CA ILE A 87 -13.16 -20.31 -2.20
C ILE A 87 -14.19 -20.04 -3.33
N GLU A 88 -15.32 -19.44 -2.98
CA GLU A 88 -16.36 -19.13 -3.95
C GLU A 88 -15.79 -18.30 -5.08
N THR A 89 -14.85 -17.43 -4.76
CA THR A 89 -14.27 -16.53 -5.79
C THR A 89 -13.54 -17.32 -6.83
N LEU A 90 -12.66 -18.22 -6.42
CA LEU A 90 -11.98 -19.07 -7.40
C LEU A 90 -13.00 -20.01 -8.10
N HIS A 91 -14.06 -20.44 -7.39
CA HIS A 91 -15.04 -21.29 -8.01
C HIS A 91 -15.71 -20.62 -9.20
N TRP A 92 -16.08 -19.34 -9.09
CA TRP A 92 -16.72 -18.75 -10.26
C TRP A 92 -15.72 -18.32 -11.31
N LEU A 93 -14.46 -18.08 -10.94
CA LEU A 93 -13.45 -17.79 -11.97
C LEU A 93 -13.23 -19.05 -12.77
N ASP A 94 -13.28 -20.16 -12.07
CA ASP A 94 -13.16 -21.47 -12.70
C ASP A 94 -14.34 -21.73 -13.65
N LYS A 95 -15.54 -21.38 -13.22
CA LYS A 95 -16.67 -21.58 -14.10
C LYS A 95 -16.69 -20.71 -15.37
N LEU A 96 -16.10 -19.50 -15.31
CA LEU A 96 -16.05 -18.63 -16.48
C LEU A 96 -14.78 -18.85 -17.32
N LYS A 97 -14.03 -19.91 -17.02
CA LYS A 97 -12.66 -20.06 -17.54
C LYS A 97 -12.56 -20.21 -19.08
N SER A 98 -13.65 -20.65 -19.72
CA SER A 98 -13.70 -20.77 -21.19
C SER A 98 -13.58 -19.41 -21.84
N GLU A 99 -13.81 -18.36 -21.05
CA GLU A 99 -13.68 -17.02 -21.55
C GLU A 99 -12.51 -16.31 -21.03
N SER A 100 -11.68 -16.94 -20.23
CA SER A 100 -10.59 -16.24 -19.60
C SER A 100 -9.63 -15.57 -20.59
N HIS A 101 -9.57 -16.09 -21.81
CA HIS A 101 -8.68 -15.56 -22.87
C HIS A 101 -9.10 -14.18 -23.40
N ARG A 102 -10.28 -13.74 -22.98
CA ARG A 102 -10.65 -12.35 -23.20
C ARG A 102 -11.09 -11.60 -21.91
N ILE A 103 -10.62 -12.05 -20.73
CA ILE A 103 -10.95 -11.37 -19.52
C ILE A 103 -9.68 -11.01 -18.81
N THR A 104 -9.62 -9.74 -18.38
CA THR A 104 -8.58 -9.23 -17.52
C THR A 104 -9.08 -9.10 -16.08
N VAL A 105 -8.36 -9.68 -15.14
CA VAL A 105 -8.66 -9.52 -13.73
C VAL A 105 -7.80 -8.38 -13.22
N GLU A 106 -8.42 -7.27 -12.83
CA GLU A 106 -7.71 -6.16 -12.32
C GLU A 106 -7.72 -6.31 -10.81
N MSE A 107 -6.54 -6.55 -10.24
CA MSE A 107 -6.42 -6.66 -8.79
C MSE A 107 -6.44 -5.22 -8.21
O MSE A 107 -5.57 -4.37 -8.55
CB MSE A 107 -5.15 -7.40 -8.35
CG MSE A 107 -5.00 -8.79 -8.94
SE MSE A 107 -6.46 -9.95 -8.28
CE MSE A 107 -6.41 -9.39 -6.36
N THR A 108 -7.43 -4.93 -7.39
CA THR A 108 -7.61 -3.58 -6.90
C THR A 108 -6.66 -3.31 -5.68
N GLU A 109 -6.56 -2.02 -5.35
CA GLU A 109 -5.72 -1.51 -4.30
C GLU A 109 -6.45 -1.50 -2.94
N ASP A 110 -7.69 -2.00 -2.91
CA ASP A 110 -8.52 -1.99 -1.70
C ASP A 110 -7.89 -2.72 -0.52
N ILE A 111 -8.21 -2.20 0.68
CA ILE A 111 -7.83 -2.76 1.97
C ILE A 111 -9.14 -3.01 2.69
N PHE A 112 -9.76 -4.10 2.38
CA PHE A 112 -10.94 -4.52 3.07
C PHE A 112 -10.54 -5.47 4.19
N ASP A 113 -11.46 -5.62 5.14
CA ASP A 113 -11.28 -6.57 6.26
C ASP A 113 -11.34 -7.97 5.70
N VAL A 114 -10.42 -8.79 6.17
CA VAL A 114 -10.25 -10.16 5.72
C VAL A 114 -11.38 -11.01 6.35
N PRO A 115 -12.04 -11.86 5.55
CA PRO A 115 -13.08 -12.75 6.09
C PRO A 115 -12.63 -13.53 7.31
N GLY A 116 -13.53 -13.71 8.27
CA GLY A 116 -13.10 -14.12 9.60
C GLY A 116 -12.33 -15.42 9.68
N HIS A 117 -12.66 -16.35 8.77
CA HIS A 117 -12.09 -17.72 8.84
C HIS A 117 -10.61 -17.74 8.41
N LYS A 118 -10.15 -16.64 7.86
CA LYS A 118 -8.73 -16.44 7.49
C LYS A 118 -7.99 -15.40 8.30
N ARG A 119 -8.65 -14.82 9.30
CA ARG A 119 -7.96 -13.85 10.18
C ARG A 119 -6.83 -14.43 11.05
N HIS A 120 -6.89 -15.72 11.37
CA HIS A 120 -5.83 -16.40 12.14
C HIS A 120 -4.44 -16.40 11.47
N LEU A 121 -4.40 -16.28 10.15
CA LEU A 121 -3.16 -16.25 9.41
C LEU A 121 -2.41 -14.95 9.72
N ASN A 122 -1.13 -15.07 10.05
CA ASN A 122 -0.27 -13.89 10.10
C ASN A 122 -0.08 -13.20 8.74
N ALA A 123 0.43 -11.97 8.78
CA ALA A 123 0.43 -11.11 7.62
C ALA A 123 1.24 -11.76 6.50
N ASN A 124 2.29 -12.51 6.85
CA ASN A 124 3.07 -13.21 5.87
C ASN A 124 2.30 -14.37 5.28
N ASP A 125 1.57 -15.10 6.11
CA ASP A 125 0.81 -16.22 5.59
C ASP A 125 -0.42 -15.78 4.79
N LYS A 126 -1.00 -14.63 5.14
CA LYS A 126 -2.06 -14.04 4.33
C LYS A 126 -1.50 -13.65 2.96
N ASN A 127 -0.32 -13.01 2.88
CA ASN A 127 0.22 -12.63 1.55
C ASN A 127 0.51 -13.85 0.65
N ALA A 128 1.02 -14.93 1.26
CA ALA A 128 1.32 -16.16 0.53
C ALA A 128 0.03 -16.78 0.00
N PHE A 129 -1.03 -16.76 0.82
CA PHE A 129 -2.32 -17.32 0.43
C PHE A 129 -2.95 -16.56 -0.73
N ILE A 130 -2.88 -15.24 -0.72
CA ILE A 130 -3.32 -14.44 -1.89
C ILE A 130 -2.45 -14.70 -3.14
N LEU A 131 -1.13 -14.74 -2.95
CA LEU A 131 -0.24 -14.98 -4.06
C LEU A 131 -0.53 -16.33 -4.71
N ASN A 132 -0.78 -17.33 -3.89
CA ASN A 132 -1.21 -18.65 -4.41
C ASN A 132 -2.47 -18.64 -5.24
N LYS A 133 -3.46 -17.84 -4.81
CA LYS A 133 -4.72 -17.71 -5.55
C LYS A 133 -4.51 -16.94 -6.85
N ILE A 134 -3.66 -15.96 -6.83
CA ILE A 134 -3.31 -15.24 -8.06
C ILE A 134 -2.63 -16.17 -9.06
N LYS A 135 -1.72 -17.01 -8.58
CA LYS A 135 -1.11 -18.10 -9.41
C LYS A 135 -2.21 -18.94 -10.07
N VAL A 136 -3.24 -19.30 -9.30
CA VAL A 136 -4.33 -20.09 -9.82
C VAL A 136 -5.05 -19.34 -10.95
N ILE A 137 -5.38 -18.08 -10.72
CA ILE A 137 -6.10 -17.32 -11.70
C ILE A 137 -5.25 -17.20 -13.01
N HIS A 138 -3.97 -17.00 -12.84
CA HIS A 138 -3.02 -16.91 -13.96
C HIS A 138 -3.00 -18.27 -14.65
N GLY A 139 -3.08 -19.33 -13.86
CA GLY A 139 -3.11 -20.69 -14.41
C GLY A 139 -4.33 -21.00 -15.27
N LEU A 140 -5.44 -20.33 -14.98
CA LEU A 140 -6.67 -20.45 -15.73
C LEU A 140 -6.64 -19.58 -16.99
N GLY A 141 -5.56 -18.86 -17.21
CA GLY A 141 -5.43 -18.14 -18.46
C GLY A 141 -6.01 -16.72 -18.43
N TYR A 142 -6.48 -16.22 -17.26
CA TYR A 142 -6.84 -14.80 -17.18
C TYR A 142 -5.63 -13.89 -17.36
N HIS A 143 -5.80 -12.73 -18.00
CA HIS A 143 -4.79 -11.65 -17.92
C HIS A 143 -4.97 -11.01 -16.56
N ILE A 144 -3.89 -10.69 -15.88
CA ILE A 144 -4.00 -10.09 -14.56
C ILE A 144 -3.32 -8.75 -14.65
N ALA A 145 -4.05 -7.72 -14.27
CA ALA A 145 -3.56 -6.38 -14.17
C ALA A 145 -3.56 -5.92 -12.73
N ILE A 146 -2.60 -5.08 -12.39
CA ILE A 146 -2.64 -4.39 -11.11
C ILE A 146 -3.22 -2.98 -11.36
N ASP A 147 -4.32 -2.73 -10.70
CA ASP A 147 -5.03 -1.46 -10.86
C ASP A 147 -4.46 -0.41 -9.92
N ASP A 148 -4.54 0.85 -10.34
CA ASP A 148 -4.23 2.00 -9.49
C ASP A 148 -2.91 1.79 -8.69
N VAL A 149 -1.81 1.58 -9.39
CA VAL A 149 -0.53 1.39 -8.73
C VAL A 149 -0.14 2.69 -8.03
N SER A 150 0.53 2.52 -6.89
CA SER A 150 0.87 3.60 -5.91
C SER A 150 -0.35 4.17 -5.25
N CYS A 151 -1.45 3.41 -5.29
CA CYS A 151 -2.62 3.66 -4.46
C CYS A 151 -2.92 2.45 -3.58
N GLY A 152 -3.61 2.69 -2.44
CA GLY A 152 -4.07 1.65 -1.53
C GLY A 152 -2.87 0.79 -1.18
N LEU A 153 -3.04 -0.53 -1.25
CA LEU A 153 -1.98 -1.50 -0.98
C LEU A 153 -1.22 -1.93 -2.23
N ASN A 154 -1.54 -1.34 -3.37
CA ASN A 154 -0.81 -1.62 -4.63
C ASN A 154 0.48 -0.78 -4.78
N SER A 155 1.36 -0.95 -3.79
CA SER A 155 2.69 -0.33 -3.71
C SER A 155 3.64 -1.12 -4.53
N LEU A 156 4.83 -0.57 -4.73
CA LEU A 156 5.84 -1.25 -5.56
C LEU A 156 6.18 -2.60 -5.01
N GLU A 157 6.31 -2.75 -3.68
CA GLU A 157 6.53 -4.06 -3.05
C GLU A 157 5.48 -5.11 -3.42
N ARG A 158 4.23 -4.72 -3.43
CA ARG A 158 3.16 -5.65 -3.82
C ARG A 158 3.28 -6.05 -5.29
N VAL A 159 3.54 -5.05 -6.14
CA VAL A 159 3.62 -5.30 -7.56
C VAL A 159 4.77 -6.27 -7.79
N MSE A 160 5.91 -6.03 -7.17
CA MSE A 160 7.00 -7.02 -7.16
C MSE A 160 6.57 -8.42 -6.74
O MSE A 160 6.96 -9.37 -7.39
CB MSE A 160 8.21 -6.61 -6.28
CG MSE A 160 9.01 -5.39 -6.80
SE MSE A 160 9.74 -6.00 -8.52
CE MSE A 160 10.92 -7.43 -7.85
N SER A 161 5.78 -8.55 -5.69
CA SER A 161 5.36 -9.88 -5.29
C SER A 161 4.40 -10.52 -6.32
N TYR A 162 3.62 -9.72 -7.04
CA TYR A 162 2.65 -10.30 -7.97
C TYR A 162 3.31 -10.64 -9.28
N LEU A 163 4.53 -10.17 -9.48
CA LEU A 163 5.14 -10.06 -10.82
C LEU A 163 5.11 -11.27 -11.76
N PRO A 164 5.32 -12.49 -11.24
CA PRO A 164 5.29 -13.58 -12.22
C PRO A 164 3.94 -13.70 -12.95
N TYR A 165 2.88 -13.30 -12.28
CA TYR A 165 1.56 -13.61 -12.72
C TYR A 165 0.82 -12.47 -13.45
N ILE A 166 1.46 -11.31 -13.64
CA ILE A 166 0.77 -10.14 -14.21
C ILE A 166 1.26 -9.81 -15.60
N ILE A 167 0.43 -9.09 -16.37
CA ILE A 167 0.83 -8.67 -17.67
C ILE A 167 0.67 -7.18 -17.83
N GLU A 168 0.13 -6.51 -16.83
CA GLU A 168 -0.30 -5.12 -17.00
C GLU A 168 -0.25 -4.35 -15.70
N ILE A 169 0.24 -3.12 -15.72
CA ILE A 169 0.11 -2.27 -14.55
C ILE A 169 -0.50 -0.97 -14.98
N LYS A 170 -1.42 -0.45 -14.17
CA LYS A 170 -2.26 0.68 -14.53
C LYS A 170 -2.00 1.78 -13.53
N PHE A 171 -1.85 2.99 -14.00
CA PHE A 171 -1.60 4.16 -13.14
C PHE A 171 -2.70 5.14 -13.44
N SER A 172 -3.38 5.60 -12.40
CA SER A 172 -4.58 6.35 -12.57
C SER A 172 -4.37 7.79 -12.15
N LEU A 173 -4.38 8.70 -13.10
CA LEU A 173 -4.13 10.15 -12.79
C LEU A 173 -5.19 10.74 -11.84
N ILE A 174 -6.40 10.20 -11.94
CA ILE A 174 -7.58 10.56 -11.15
C ILE A 174 -7.37 10.47 -9.66
N HIS A 175 -6.54 9.51 -9.24
CA HIS A 175 -6.22 9.31 -7.83
C HIS A 175 -5.22 10.32 -7.26
N PHE A 176 -4.67 11.17 -8.12
CA PHE A 176 -3.59 12.06 -7.75
C PHE A 176 -3.77 13.51 -8.21
N LYS A 177 -5.00 13.98 -8.10
CA LYS A 177 -5.36 15.37 -8.42
C LYS A 177 -4.45 16.47 -7.86
N ASN A 178 -4.04 16.32 -6.59
CA ASN A 178 -3.42 17.44 -5.92
C ASN A 178 -1.88 17.41 -6.02
N ILE A 179 -1.30 16.41 -6.71
CA ILE A 179 0.13 16.39 -6.98
C ILE A 179 0.49 17.18 -8.26
N PRO A 180 1.35 18.23 -8.14
CA PRO A 180 1.80 18.90 -9.37
C PRO A 180 2.34 17.87 -10.35
N LEU A 181 1.80 17.92 -11.57
CA LEU A 181 2.10 16.97 -12.62
C LEU A 181 3.60 16.81 -12.85
N GLU A 182 4.40 17.86 -12.74
CA GLU A 182 5.84 17.68 -12.91
C GLU A 182 6.48 16.82 -11.80
N ASP A 183 5.86 16.82 -10.61
CA ASP A 183 6.28 15.92 -9.56
C ASP A 183 5.68 14.50 -9.85
N LEU A 184 4.38 14.43 -10.20
CA LEU A 184 3.70 13.13 -10.47
C LEU A 184 4.43 12.41 -11.62
N LEU A 185 4.89 13.20 -12.58
CA LEU A 185 5.52 12.68 -13.81
C LEU A 185 6.75 11.78 -13.49
N LEU A 186 7.49 12.09 -12.42
CA LEU A 186 8.61 11.24 -12.04
C LEU A 186 8.19 9.83 -11.56
N PHE A 187 7.06 9.73 -10.87
CA PHE A 187 6.49 8.44 -10.53
C PHE A 187 5.97 7.73 -11.76
N ILE A 188 5.29 8.46 -12.63
CA ILE A 188 4.85 7.84 -13.88
C ILE A 188 6.05 7.30 -14.67
N LYS A 189 7.11 8.10 -14.85
CA LYS A 189 8.32 7.62 -15.53
C LYS A 189 8.94 6.35 -14.85
N ALA A 190 8.98 6.32 -13.53
CA ALA A 190 9.50 5.15 -12.80
C ALA A 190 8.73 3.87 -13.10
N TRP A 191 7.40 3.96 -13.08
CA TRP A 191 6.52 2.83 -13.39
C TRP A 191 6.61 2.48 -14.87
N ALA A 192 6.73 3.45 -15.75
CA ALA A 192 6.87 3.20 -17.19
C ALA A 192 8.10 2.39 -17.44
N ASN A 193 9.19 2.72 -16.77
CA ASN A 193 10.44 1.97 -16.95
C ASN A 193 10.32 0.55 -16.32
N PHE A 194 9.75 0.47 -15.11
CA PHE A 194 9.52 -0.81 -14.48
C PHE A 194 8.76 -1.76 -15.41
N ALA A 195 7.66 -1.25 -16.01
CA ALA A 195 6.86 -2.02 -16.99
C ALA A 195 7.74 -2.52 -18.16
N GLN A 196 8.52 -1.61 -18.78
CA GLN A 196 9.35 -1.99 -19.93
C GLN A 196 10.34 -3.05 -19.53
N LYS A 197 11.03 -2.86 -18.41
CA LYS A 197 12.03 -3.82 -17.99
C LYS A 197 11.45 -5.19 -17.72
N ASN A 198 10.20 -5.21 -17.28
CA ASN A 198 9.50 -6.43 -16.97
C ASN A 198 8.49 -6.90 -18.03
N LYS A 199 8.56 -6.31 -19.22
CA LYS A 199 7.67 -6.68 -20.34
C LYS A 199 6.24 -6.74 -19.91
N LEU A 200 5.82 -5.72 -19.14
CA LEU A 200 4.43 -5.50 -18.84
C LEU A 200 3.85 -4.46 -19.71
N ASP A 201 2.54 -4.53 -19.96
CA ASP A 201 1.82 -3.41 -20.56
C ASP A 201 1.58 -2.29 -19.52
N PHE A 202 1.93 -1.03 -19.86
CA PHE A 202 1.62 0.09 -18.97
C PHE A 202 0.44 0.92 -19.49
N VAL A 203 -0.56 1.07 -18.64
CA VAL A 203 -1.77 1.87 -18.88
C VAL A 203 -1.81 3.10 -17.97
N VAL A 204 -2.04 4.27 -18.56
CA VAL A 204 -2.29 5.48 -17.79
C VAL A 204 -3.77 5.85 -18.04
N GLU A 205 -4.55 5.81 -16.98
CA GLU A 205 -5.96 6.18 -17.05
C GLU A 205 -6.13 7.63 -16.62
N GLY A 206 -7.27 8.18 -16.99
CA GLY A 206 -7.72 9.45 -16.47
C GLY A 206 -7.09 10.61 -17.18
N ILE A 207 -6.68 10.40 -18.42
CA ILE A 207 -6.12 11.46 -19.28
C ILE A 207 -7.26 12.26 -19.93
N GLU A 208 -7.32 13.53 -19.59
CA GLU A 208 -8.44 14.40 -19.90
C GLU A 208 -8.40 14.78 -21.40
N THR A 209 -7.20 14.83 -21.98
CA THR A 209 -7.00 15.33 -23.35
C THR A 209 -5.57 15.08 -23.93
N LYS A 210 -5.41 15.35 -25.23
CA LYS A 210 -4.18 15.02 -26.03
C LYS A 210 -2.88 15.76 -25.66
N GLU A 211 -2.98 16.93 -25.04
CA GLU A 211 -1.77 17.64 -24.62
C GLU A 211 -0.98 16.85 -23.58
N THR A 212 -1.71 16.27 -22.61
CA THR A 212 -1.10 15.45 -21.57
C THR A 212 -0.17 14.37 -22.11
N MSE A 213 -0.53 13.86 -23.28
CA MSE A 213 0.24 12.80 -23.95
C MSE A 213 1.63 13.28 -24.34
O MSE A 213 2.63 12.51 -24.27
CB MSE A 213 -0.50 12.34 -25.20
CG MSE A 213 -1.86 11.74 -24.95
SE MSE A 213 -1.65 10.10 -23.98
CE MSE A 213 -1.48 8.80 -25.44
N THR A 214 1.71 14.54 -24.74
CA THR A 214 2.99 15.13 -25.16
C THR A 214 3.92 15.27 -23.98
N LEU A 215 3.33 15.77 -22.90
CA LEU A 215 3.98 15.84 -21.61
C LEU A 215 4.54 14.46 -21.23
N LEU A 216 3.66 13.47 -21.19
CA LEU A 216 4.08 12.13 -20.82
C LEU A 216 5.28 11.71 -21.69
N GLU A 217 5.19 11.97 -23.00
CA GLU A 217 6.26 11.59 -23.93
C GLU A 217 7.55 12.38 -23.65
N SER A 218 7.43 13.69 -23.55
CA SER A 218 8.60 14.49 -23.27
C SER A 218 9.32 14.03 -21.99
N HIS A 219 8.61 13.38 -21.07
CA HIS A 219 9.29 12.93 -19.85
C HIS A 219 9.55 11.41 -19.76
N GLY A 220 9.90 10.77 -20.88
CA GLY A 220 10.29 9.34 -20.90
C GLY A 220 9.19 8.28 -20.79
N VAL A 221 7.93 8.71 -20.79
CA VAL A 221 6.87 7.73 -20.80
C VAL A 221 6.64 7.42 -22.27
N SER A 222 7.43 6.52 -22.82
CA SER A 222 7.43 6.28 -24.29
C SER A 222 6.36 5.27 -24.77
N ILE A 223 6.23 4.13 -24.09
CA ILE A 223 5.34 3.06 -24.55
C ILE A 223 4.27 2.85 -23.44
N PHE A 224 3.05 3.24 -23.74
CA PHE A 224 1.93 3.03 -22.84
C PHE A 224 0.62 3.16 -23.60
N GLN A 225 -0.44 2.63 -23.02
CA GLN A 225 -1.78 2.80 -23.52
C GLN A 225 -2.46 3.90 -22.68
N GLY A 226 -2.87 4.99 -23.30
CA GLY A 226 -3.55 6.04 -22.58
C GLY A 226 -5.04 5.81 -22.71
N TYR A 227 -5.78 6.03 -21.61
CA TYR A 227 -7.25 6.02 -21.65
C TYR A 227 -7.89 7.34 -21.25
N LEU A 228 -8.91 7.73 -22.00
CA LEU A 228 -9.63 8.98 -21.80
C LEU A 228 -10.50 8.88 -20.54
N VAL A 229 -10.85 10.02 -20.00
CA VAL A 229 -11.85 10.06 -18.94
C VAL A 229 -13.22 9.95 -19.60
N ASN A 230 -14.05 8.98 -19.19
CA ASN A 230 -15.41 8.94 -19.65
C ASN A 230 -16.38 8.31 -18.66
N LYS A 231 -17.65 8.64 -18.80
CA LYS A 231 -18.66 8.14 -17.86
C LYS A 231 -19.05 6.65 -18.07
N PRO A 232 -18.98 5.83 -17.01
CA PRO A 232 -19.63 4.48 -17.17
C PRO A 232 -21.17 4.60 -17.31
N PHE A 233 -21.82 3.54 -17.79
CA PHE A 233 -23.26 3.48 -17.98
C PHE A 233 -23.76 2.04 -17.72
N PRO A 234 -25.05 1.88 -17.40
CA PRO A 234 -25.61 0.57 -17.20
C PRO A 234 -25.32 -0.36 -18.36
N VAL A 235 -25.05 -1.60 -18.03
CA VAL A 235 -24.85 -2.65 -19.00
C VAL A 235 -26.09 -3.00 -19.75
N MSE B 4 5.38 -10.62 27.70
CA MSE B 4 5.62 -12.10 27.85
C MSE B 4 6.60 -12.45 26.84
O MSE B 4 7.84 -12.57 27.16
CB MSE B 4 4.33 -12.91 27.60
N LYS B 5 6.14 -12.73 25.65
CA LYS B 5 7.02 -13.10 24.61
C LYS B 5 7.69 -11.88 23.99
N PHE B 6 7.89 -10.76 24.72
CA PHE B 6 8.43 -9.50 24.11
C PHE B 6 9.60 -8.72 24.76
N GLN B 7 10.45 -8.13 23.92
CA GLN B 7 11.53 -7.26 24.41
C GLN B 7 11.88 -6.17 23.44
N LEU B 8 12.56 -5.13 23.91
CA LEU B 8 12.99 -4.07 23.03
C LEU B 8 14.47 -4.19 22.62
N PHE B 9 14.70 -3.92 21.33
CA PHE B 9 16.00 -3.70 20.78
C PHE B 9 16.10 -2.24 20.32
N ILE B 10 17.32 -1.77 20.19
CA ILE B 10 17.67 -0.49 19.62
C ILE B 10 18.58 -0.69 18.41
N GLN B 11 18.34 0.10 17.38
CA GLN B 11 19.22 0.15 16.25
C GLN B 11 19.66 1.63 16.17
N PRO B 12 20.92 1.89 16.49
CA PRO B 12 21.50 3.20 16.16
C PRO B 12 21.47 3.45 14.66
N LYS B 13 21.08 4.65 14.26
CA LYS B 13 20.97 4.99 12.87
C LYS B 13 22.16 5.86 12.47
N LEU B 14 23.05 5.27 11.73
CA LEU B 14 24.35 5.80 11.46
C LEU B 14 24.40 6.46 10.08
N ASP B 15 24.80 7.72 10.04
CA ASP B 15 25.00 8.49 8.80
C ASP B 15 26.02 7.82 7.93
N VAL B 16 25.67 7.59 6.68
CA VAL B 16 26.52 6.85 5.76
C VAL B 16 27.84 7.57 5.58
N LEU B 17 27.83 8.90 5.56
CA LEU B 17 29.04 9.62 5.18
C LEU B 17 30.03 9.90 6.32
N GLN B 18 29.53 10.01 7.53
CA GLN B 18 30.44 10.35 8.64
C GLN B 18 30.24 9.51 9.88
N GLY B 19 29.21 8.67 9.85
CA GLY B 19 29.04 7.67 10.85
C GLY B 19 28.51 8.17 12.16
N ASN B 20 28.06 9.41 12.23
CA ASN B 20 27.46 9.90 13.47
C ASN B 20 26.06 9.26 13.73
N ILE B 21 25.70 9.15 15.00
CA ILE B 21 24.42 8.58 15.38
C ILE B 21 23.32 9.61 15.20
N VAL B 22 22.45 9.46 14.20
CA VAL B 22 21.41 10.51 13.98
C VAL B 22 20.28 10.36 15.00
N GLU B 23 19.90 9.12 15.25
CA GLU B 23 18.82 8.78 16.19
C GLU B 23 18.94 7.26 16.46
N TYR B 24 18.15 6.76 17.40
CA TYR B 24 18.02 5.34 17.66
C TYR B 24 16.59 4.90 17.36
N GLU B 25 16.45 3.81 16.63
CA GLU B 25 15.15 3.26 16.41
C GLU B 25 14.93 2.12 17.43
N ILE B 26 13.72 2.10 17.97
CA ILE B 26 13.25 1.06 18.87
C ILE B 26 12.54 -0.04 18.07
N LEU B 27 12.90 -1.33 18.33
CA LEU B 27 12.33 -2.52 17.59
C LEU B 27 11.77 -3.59 18.55
N LEU B 28 10.60 -4.14 18.24
N LEU B 28 10.58 -4.14 18.26
CA LEU B 28 10.07 -5.25 19.03
CA LEU B 28 9.99 -5.22 19.07
C LEU B 28 10.82 -6.48 18.62
C LEU B 28 10.65 -6.53 18.64
N ARG B 29 11.13 -7.32 19.58
CA ARG B 29 11.70 -8.59 19.24
C ARG B 29 11.11 -9.60 20.18
N ASP B 30 11.19 -10.86 19.79
CA ASP B 30 10.74 -11.94 20.71
C ASP B 30 11.85 -12.38 21.70
N ASP B 31 11.55 -13.39 22.52
CA ASP B 31 12.52 -13.89 23.49
C ASP B 31 13.29 -15.04 22.88
N SER B 32 13.38 -15.04 21.55
CA SER B 32 13.95 -16.17 20.79
C SER B 32 15.43 -16.37 21.01
N ALA B 33 15.84 -17.61 20.68
CA ALA B 33 17.23 -18.02 20.56
C ALA B 33 18.00 -16.99 19.75
N VAL B 34 17.51 -16.75 18.53
CA VAL B 34 17.95 -15.62 17.74
C VAL B 34 16.68 -14.77 17.59
N PRO B 35 16.66 -13.58 18.21
CA PRO B 35 15.39 -12.82 18.26
C PRO B 35 14.99 -12.30 16.91
N ARG B 36 13.70 -12.33 16.66
CA ARG B 36 13.15 -11.89 15.42
C ARG B 36 11.97 -11.03 15.81
N PHE B 37 11.46 -10.28 14.85
CA PHE B 37 10.24 -9.49 15.05
C PHE B 37 9.09 -10.48 15.37
N PRO B 38 8.33 -10.23 16.44
CA PRO B 38 7.32 -11.24 16.83
C PRO B 38 6.03 -11.03 16.08
N LEU B 39 5.99 -11.43 14.81
CA LEU B 39 4.83 -11.08 13.99
C LEU B 39 3.50 -11.70 14.49
N SER B 40 3.45 -13.01 14.59
N SER B 40 3.44 -13.01 14.56
CA SER B 40 2.27 -13.69 15.11
CA SER B 40 2.22 -13.63 15.07
C SER B 40 1.83 -13.30 16.53
C SER B 40 1.84 -13.09 16.46
N GLU B 41 2.77 -13.02 17.39
CA GLU B 41 2.44 -12.56 18.78
C GLU B 41 1.82 -11.14 18.86
N LEU B 42 2.36 -10.20 18.06
CA LEU B 42 1.82 -8.88 17.97
C LEU B 42 0.47 -8.92 17.30
N GLU B 43 0.28 -9.77 16.30
CA GLU B 43 -1.04 -9.89 15.73
C GLU B 43 -2.08 -10.44 16.75
N ALA B 44 -1.65 -11.34 17.62
CA ALA B 44 -2.54 -11.91 18.63
C ALA B 44 -2.96 -10.84 19.63
N VAL B 45 -2.01 -9.97 19.98
CA VAL B 45 -2.24 -8.85 20.87
C VAL B 45 -3.16 -7.81 20.22
N LEU B 46 -2.95 -7.57 18.94
CA LEU B 46 -3.77 -6.59 18.22
C LEU B 46 -5.22 -7.09 18.11
N ALA B 47 -5.44 -8.39 18.22
CA ALA B 47 -6.80 -8.96 18.03
C ALA B 47 -7.64 -9.06 19.31
N ASP B 48 -7.07 -8.63 20.46
CA ASP B 48 -7.73 -8.72 21.74
C ASP B 48 -7.45 -7.42 22.52
N GLU B 49 -8.49 -6.64 22.78
CA GLU B 49 -8.34 -5.34 23.49
C GLU B 49 -7.62 -5.41 24.84
N GLU B 50 -7.99 -6.41 25.66
CA GLU B 50 -7.30 -6.69 26.90
C GLU B 50 -5.82 -7.05 26.77
N LEU B 51 -5.47 -7.84 25.78
CA LEU B 51 -4.06 -8.11 25.58
C LEU B 51 -3.37 -6.88 25.05
N TYR B 52 -4.05 -6.15 24.16
CA TYR B 52 -3.44 -4.92 23.67
C TYR B 52 -3.22 -3.90 24.78
N LEU B 53 -4.11 -3.87 25.77
CA LEU B 53 -3.92 -3.00 26.92
C LEU B 53 -2.69 -3.39 27.76
N ALA B 54 -2.55 -4.68 28.07
CA ALA B 54 -1.35 -5.15 28.73
C ALA B 54 -0.10 -4.86 27.88
N PHE B 55 -0.16 -5.12 26.58
CA PHE B 55 1.04 -4.95 25.73
C PHE B 55 1.44 -3.50 25.81
N SER B 56 0.45 -2.62 25.61
CA SER B 56 0.62 -1.19 25.62
C SER B 56 1.20 -0.70 26.94
N GLU B 57 0.75 -1.23 28.07
CA GLU B 57 1.33 -0.81 29.33
C GLU B 57 2.80 -1.21 29.43
N TRP B 58 3.13 -2.40 28.96
CA TRP B 58 4.49 -2.86 28.95
C TRP B 58 5.37 -1.98 28.04
N PHE B 59 4.88 -1.70 26.84
CA PHE B 59 5.69 -1.06 25.85
C PHE B 59 5.99 0.37 26.29
N SER B 60 4.98 1.08 26.79
CA SER B 60 5.14 2.48 27.11
C SER B 60 6.08 2.66 28.31
N GLU B 61 5.97 1.78 29.30
CA GLU B 61 6.90 1.83 30.42
C GLU B 61 8.35 1.47 30.05
N ALA B 62 8.50 0.44 29.22
CA ALA B 62 9.83 0.01 28.80
C ALA B 62 10.48 1.11 27.99
N PHE B 63 9.67 1.76 27.14
CA PHE B 63 10.16 2.80 26.27
C PHE B 63 10.51 4.04 27.06
N LEU B 64 9.69 4.38 28.03
CA LEU B 64 10.04 5.47 28.92
C LEU B 64 11.35 5.26 29.68
N ASP B 65 11.60 4.03 30.13
CA ASP B 65 12.88 3.67 30.76
C ASP B 65 14.08 3.94 29.80
N VAL B 66 13.92 3.55 28.55
CA VAL B 66 14.95 3.88 27.51
C VAL B 66 15.16 5.41 27.35
N LEU B 67 14.07 6.19 27.24
CA LEU B 67 14.18 7.64 27.15
C LEU B 67 14.97 8.23 28.31
N LYS B 68 14.72 7.73 29.50
CA LYS B 68 15.41 8.19 30.70
C LYS B 68 16.91 7.89 30.68
N LYS B 69 17.25 6.73 30.17
CA LYS B 69 18.61 6.27 30.09
C LYS B 69 19.44 7.05 29.03
N TYR B 70 18.78 7.46 27.93
CA TYR B 70 19.42 8.30 26.89
C TYR B 70 18.64 9.60 26.80
N PRO B 71 18.87 10.56 27.70
CA PRO B 71 18.01 11.72 27.70
C PRO B 71 18.33 12.78 26.64
N ASN B 72 19.44 12.63 25.90
CA ASN B 72 19.83 13.67 24.90
C ASN B 72 19.53 13.36 23.46
N ASP B 73 18.94 12.20 23.20
CA ASP B 73 18.83 11.69 21.85
C ASP B 73 17.39 11.53 21.35
N ARG B 74 17.24 11.49 20.02
CA ARG B 74 15.99 11.23 19.37
C ARG B 74 15.78 9.76 19.23
N PHE B 75 14.53 9.32 19.52
CA PHE B 75 14.11 7.95 19.39
C PHE B 75 12.99 7.86 18.34
N ALA B 76 13.10 6.88 17.45
CA ALA B 76 12.03 6.50 16.49
C ALA B 76 11.32 5.25 17.01
N ILE B 77 9.98 5.28 17.09
CA ILE B 77 9.17 4.07 17.39
C ILE B 77 8.24 3.78 16.20
N ASN B 78 7.87 2.51 16.05
CA ASN B 78 7.13 2.05 14.93
C ASN B 78 5.73 1.89 15.39
N ILE B 79 4.78 2.51 14.73
CA ILE B 79 3.39 2.21 15.06
C ILE B 79 2.61 1.83 13.77
N ALA B 80 1.98 0.67 13.77
CA ALA B 80 1.14 0.20 12.67
C ALA B 80 -0.18 0.97 12.66
N PRO B 81 -0.69 1.31 11.47
CA PRO B 81 -1.87 2.16 11.48
C PRO B 81 -3.04 1.54 12.25
N GLN B 82 -3.15 0.22 12.23
CA GLN B 82 -4.23 -0.47 12.89
C GLN B 82 -4.23 -0.32 14.43
N GLN B 83 -3.05 -0.05 14.99
CA GLN B 83 -2.91 0.30 16.43
C GLN B 83 -3.70 1.54 16.80
N LEU B 84 -3.90 2.42 15.82
CA LEU B 84 -4.56 3.68 16.09
C LEU B 84 -6.09 3.49 16.31
N PHE B 85 -6.63 2.31 16.04
CA PHE B 85 -8.07 1.97 16.28
C PHE B 85 -8.33 1.65 17.76
N TYR B 86 -7.29 1.52 18.54
CA TYR B 86 -7.39 1.37 20.01
C TYR B 86 -7.07 2.71 20.69
N ILE B 87 -7.96 3.19 21.53
CA ILE B 87 -7.76 4.49 22.20
C ILE B 87 -6.51 4.47 23.12
N GLU B 88 -6.17 3.28 23.61
CA GLU B 88 -5.03 3.05 24.49
C GLU B 88 -3.76 3.54 23.79
N THR B 89 -3.69 3.42 22.47
CA THR B 89 -2.49 3.84 21.75
C THR B 89 -2.24 5.33 21.92
N LEU B 90 -3.32 6.10 21.75
CA LEU B 90 -3.27 7.56 21.86
C LEU B 90 -3.10 7.93 23.37
N HIS B 91 -3.64 7.12 24.25
CA HIS B 91 -3.48 7.40 25.66
C HIS B 91 -2.03 7.29 26.07
N TRP B 92 -1.30 6.28 25.58
CA TRP B 92 0.12 6.24 25.97
C TRP B 92 0.96 7.22 25.19
N LEU B 93 0.52 7.63 24.02
CA LEU B 93 1.30 8.72 23.35
C LEU B 93 1.12 9.99 24.12
N ASP B 94 -0.05 10.13 24.75
CA ASP B 94 -0.36 11.29 25.51
C ASP B 94 0.48 11.32 26.77
N LYS B 95 0.66 10.17 27.38
CA LYS B 95 1.44 10.09 28.60
C LYS B 95 2.95 10.28 28.41
N LEU B 96 3.47 10.01 27.23
CA LEU B 96 4.87 10.26 26.90
C LEU B 96 5.13 11.63 26.23
N LYS B 97 4.11 12.48 26.22
CA LYS B 97 4.07 13.69 25.39
C LYS B 97 5.09 14.77 25.82
N SER B 98 5.55 14.73 27.08
CA SER B 98 6.66 15.61 27.50
C SER B 98 7.94 15.28 26.77
N GLU B 99 8.01 14.09 26.15
CA GLU B 99 9.18 13.74 25.38
C GLU B 99 9.00 13.78 23.89
N SER B 100 7.83 14.21 23.39
CA SER B 100 7.56 14.15 21.95
C SER B 100 8.48 14.97 21.05
N HIS B 101 9.09 16.01 21.63
CA HIS B 101 10.08 16.85 20.91
C HIS B 101 11.33 16.10 20.53
N ARG B 102 11.50 14.92 21.09
CA ARG B 102 12.60 14.05 20.69
C ARG B 102 12.15 12.64 20.26
N ILE B 103 10.89 12.50 19.88
CA ILE B 103 10.40 11.21 19.41
C ILE B 103 9.85 11.37 18.02
N THR B 104 10.21 10.42 17.18
CA THR B 104 9.62 10.28 15.90
C THR B 104 8.72 9.06 15.88
N VAL B 105 7.47 9.24 15.47
CA VAL B 105 6.54 8.12 15.21
C VAL B 105 6.65 7.75 13.73
N GLU B 106 7.21 6.59 13.42
CA GLU B 106 7.27 6.02 12.11
C GLU B 106 6.02 5.20 11.90
N MSE B 107 5.17 5.67 10.98
CA MSE B 107 3.88 4.95 10.69
C MSE B 107 4.30 3.82 9.73
O MSE B 107 4.91 4.07 8.64
CB MSE B 107 2.83 5.86 10.03
CG MSE B 107 2.43 7.11 10.82
SE MSE B 107 1.62 6.41 12.53
CE MSE B 107 0.47 4.99 11.75
N THR B 108 4.06 2.57 10.15
CA THR B 108 4.53 1.44 9.37
C THR B 108 3.61 1.16 8.15
N GLU B 109 4.12 0.32 7.26
CA GLU B 109 3.45 -0.05 6.06
C GLU B 109 2.51 -1.29 6.28
N ASP B 110 2.52 -1.83 7.49
CA ASP B 110 1.76 -3.03 7.84
C ASP B 110 0.26 -2.94 7.49
N ILE B 111 -0.25 -4.09 7.06
CA ILE B 111 -1.66 -4.33 6.86
C ILE B 111 -2.20 -5.38 7.86
N PHE B 112 -2.49 -4.98 9.05
CA PHE B 112 -2.94 -5.94 10.02
C PHE B 112 -4.45 -5.95 10.06
N ASP B 113 -5.03 -6.96 10.68
CA ASP B 113 -6.52 -6.99 10.84
C ASP B 113 -6.93 -5.93 11.82
N VAL B 114 -7.96 -5.15 11.42
CA VAL B 114 -8.45 -4.07 12.21
C VAL B 114 -9.17 -4.69 13.41
N PRO B 115 -8.93 -4.15 14.63
CA PRO B 115 -9.65 -4.54 15.83
C PRO B 115 -11.13 -4.58 15.56
N GLY B 116 -11.81 -5.54 16.17
CA GLY B 116 -13.19 -5.84 15.78
C GLY B 116 -14.26 -4.79 16.04
N HIS B 117 -14.02 -3.97 17.04
CA HIS B 117 -14.94 -2.88 17.36
C HIS B 117 -14.87 -1.72 16.34
N LYS B 118 -13.95 -1.77 15.40
CA LYS B 118 -13.89 -0.78 14.31
C LYS B 118 -14.10 -1.38 12.94
N ARG B 119 -14.39 -2.70 12.88
CA ARG B 119 -14.61 -3.32 11.57
C ARG B 119 -15.91 -2.89 10.84
N HIS B 120 -16.93 -2.42 11.57
CA HIS B 120 -18.16 -1.87 11.00
C HIS B 120 -17.93 -0.59 10.13
N LEU B 121 -16.81 0.12 10.33
CA LEU B 121 -16.48 1.29 9.47
C LEU B 121 -16.16 0.82 8.06
N ASN B 122 -16.67 1.52 7.04
CA ASN B 122 -16.21 1.30 5.67
C ASN B 122 -14.78 1.79 5.46
N ALA B 123 -14.21 1.49 4.28
CA ALA B 123 -12.81 1.74 3.98
C ALA B 123 -12.52 3.21 4.01
N ASN B 124 -13.44 4.05 3.53
CA ASN B 124 -13.23 5.50 3.58
C ASN B 124 -13.30 6.01 5.06
N ASP B 125 -14.21 5.47 5.86
CA ASP B 125 -14.34 5.97 7.22
C ASP B 125 -13.17 5.48 8.05
N LYS B 126 -12.69 4.27 7.79
CA LYS B 126 -11.46 3.83 8.41
C LYS B 126 -10.28 4.75 8.07
N ASN B 127 -10.12 5.11 6.81
CA ASN B 127 -8.99 5.99 6.50
C ASN B 127 -9.14 7.34 7.23
N ALA B 128 -10.36 7.88 7.27
CA ALA B 128 -10.62 9.17 7.99
C ALA B 128 -10.26 9.06 9.47
N PHE B 129 -10.67 7.96 10.11
CA PHE B 129 -10.39 7.73 11.56
C PHE B 129 -8.86 7.74 11.82
N ILE B 130 -8.13 6.98 11.02
N ILE B 130 -8.11 6.98 11.03
CA ILE B 130 -6.68 6.97 11.11
CA ILE B 130 -6.66 6.96 11.16
C ILE B 130 -6.05 8.37 10.87
C ILE B 130 -5.98 8.33 10.83
N LEU B 131 -6.50 9.08 9.86
CA LEU B 131 -5.92 10.38 9.54
C LEU B 131 -6.13 11.30 10.73
N ASN B 132 -7.31 11.18 11.35
CA ASN B 132 -7.62 11.98 12.53
C ASN B 132 -6.63 11.74 13.66
N LYS B 133 -6.31 10.46 13.87
CA LYS B 133 -5.44 10.07 14.97
C LYS B 133 -4.02 10.51 14.65
N ILE B 134 -3.64 10.51 13.38
CA ILE B 134 -2.35 11.05 12.98
C ILE B 134 -2.31 12.53 13.27
N LYS B 135 -3.40 13.24 12.94
CA LYS B 135 -3.58 14.66 13.38
C LYS B 135 -3.33 14.85 14.86
N VAL B 136 -3.95 14.01 15.68
CA VAL B 136 -3.77 14.06 17.13
C VAL B 136 -2.31 13.93 17.50
N ILE B 137 -1.60 12.97 16.90
CA ILE B 137 -0.21 12.71 17.25
C ILE B 137 0.70 13.88 16.85
N HIS B 138 0.44 14.40 15.67
CA HIS B 138 1.09 15.61 15.23
C HIS B 138 0.82 16.76 16.25
N GLY B 139 -0.42 16.87 16.72
CA GLY B 139 -0.80 17.94 17.65
C GLY B 139 -0.07 17.85 18.99
N LEU B 140 0.31 16.64 19.36
CA LEU B 140 1.06 16.39 20.57
C LEU B 140 2.53 16.69 20.35
N GLY B 141 2.90 17.05 19.12
CA GLY B 141 4.26 17.48 18.87
C GLY B 141 5.26 16.38 18.54
N TYR B 142 4.80 15.16 18.27
CA TYR B 142 5.67 14.11 17.70
C TYR B 142 6.11 14.44 16.27
N HIS B 143 7.34 14.05 15.90
CA HIS B 143 7.67 14.00 14.46
C HIS B 143 7.04 12.73 13.94
N ILE B 144 6.45 12.84 12.76
N ILE B 144 6.43 12.80 12.77
CA ILE B 144 5.84 11.71 12.11
CA ILE B 144 5.81 11.64 12.18
C ILE B 144 6.65 11.44 10.87
C ILE B 144 6.45 11.39 10.84
N ALA B 145 6.98 10.19 10.69
CA ALA B 145 7.62 9.74 9.48
C ALA B 145 6.80 8.62 8.83
N ILE B 146 6.80 8.58 7.54
CA ILE B 146 6.29 7.41 6.86
C ILE B 146 7.41 6.43 6.63
N ASP B 147 7.25 5.24 7.15
CA ASP B 147 8.34 4.23 7.00
C ASP B 147 8.12 3.40 5.77
N ASP B 148 9.21 2.87 5.25
CA ASP B 148 9.21 1.97 4.11
C ASP B 148 8.24 2.39 3.00
N VAL B 149 8.41 3.58 2.44
CA VAL B 149 7.49 4.05 1.38
C VAL B 149 7.66 3.16 0.19
N SER B 150 6.56 3.02 -0.57
CA SER B 150 6.36 2.07 -1.71
C SER B 150 6.38 0.62 -1.26
N CYS B 151 6.18 0.41 0.04
CA CYS B 151 5.96 -0.91 0.62
C CYS B 151 4.63 -0.95 1.29
N GLY B 152 4.10 -2.16 1.46
CA GLY B 152 2.88 -2.41 2.22
C GLY B 152 1.77 -1.47 1.78
N LEU B 153 1.07 -0.85 2.73
CA LEU B 153 0.11 0.20 2.38
C LEU B 153 0.62 1.63 2.33
N ASN B 154 1.90 1.82 2.47
CA ASN B 154 2.54 3.12 2.34
C ASN B 154 2.86 3.54 0.92
N SER B 155 1.80 3.54 0.10
CA SER B 155 1.83 3.97 -1.29
C SER B 155 1.77 5.48 -1.36
N LEU B 156 2.09 6.03 -2.54
CA LEU B 156 2.08 7.47 -2.72
C LEU B 156 0.74 8.07 -2.32
N GLU B 157 -0.36 7.46 -2.69
CA GLU B 157 -1.70 7.95 -2.22
C GLU B 157 -1.82 8.12 -0.74
N ARG B 158 -1.37 7.14 0.01
CA ARG B 158 -1.41 7.26 1.46
C ARG B 158 -0.50 8.39 1.98
N VAL B 159 0.68 8.48 1.40
CA VAL B 159 1.63 9.48 1.81
C VAL B 159 0.98 10.84 1.57
N MSE B 160 0.35 11.00 0.41
CA MSE B 160 -0.42 12.21 0.13
C MSE B 160 -1.47 12.49 1.17
O MSE B 160 -1.63 13.64 1.54
CB MSE B 160 -1.09 12.30 -1.27
CG MSE B 160 -0.17 12.44 -2.46
SE MSE B 160 0.79 14.13 -2.26
CE MSE B 160 -0.65 15.42 -2.37
N SER B 161 -2.22 11.49 1.65
CA SER B 161 -3.22 11.80 2.66
C SER B 161 -2.62 12.23 4.00
N TYR B 162 -1.44 11.71 4.31
CA TYR B 162 -0.82 11.98 5.62
C TYR B 162 -0.11 13.33 5.55
N LEU B 163 -0.03 13.91 4.38
CA LEU B 163 1.01 14.91 4.14
C LEU B 163 1.02 16.09 5.15
N PRO B 164 -0.17 16.62 5.56
CA PRO B 164 -0.10 17.74 6.47
C PRO B 164 0.73 17.50 7.74
N TYR B 165 0.74 16.24 8.21
CA TYR B 165 1.19 15.92 9.52
C TYR B 165 2.58 15.32 9.58
N ILE B 166 3.24 15.13 8.43
CA ILE B 166 4.51 14.39 8.38
C ILE B 166 5.69 15.30 8.19
N ILE B 167 6.88 14.85 8.62
CA ILE B 167 8.06 15.60 8.38
C ILE B 167 9.14 14.81 7.60
N GLU B 168 8.90 13.53 7.41
CA GLU B 168 9.92 12.62 6.94
C GLU B 168 9.32 11.48 6.14
N ILE B 169 10.02 11.12 5.06
N ILE B 169 10.01 11.09 5.09
CA ILE B 169 9.70 10.00 4.18
CA ILE B 169 9.67 9.89 4.37
C ILE B 169 10.93 9.09 4.22
C ILE B 169 10.92 9.07 4.19
N LYS B 170 10.75 7.78 4.50
CA LYS B 170 11.85 6.82 4.50
C LYS B 170 11.67 5.73 3.46
N PHE B 171 12.74 5.45 2.72
CA PHE B 171 12.75 4.50 1.61
C PHE B 171 13.81 3.49 1.99
N SER B 172 13.42 2.22 2.02
CA SER B 172 14.28 1.16 2.54
C SER B 172 14.73 0.22 1.45
N LEU B 173 16.00 0.26 1.15
CA LEU B 173 16.57 -0.45 0.02
C LEU B 173 16.42 -1.94 0.23
N ILE B 174 16.59 -2.35 1.47
CA ILE B 174 16.37 -3.70 1.99
C ILE B 174 15.07 -4.39 1.58
N HIS B 175 14.01 -3.61 1.38
CA HIS B 175 12.76 -4.18 0.96
C HIS B 175 12.68 -4.44 -0.53
N PHE B 176 13.74 -4.09 -1.26
CA PHE B 176 13.70 -4.12 -2.71
C PHE B 176 14.95 -4.75 -3.31
N LYS B 177 15.44 -5.80 -2.67
CA LYS B 177 16.58 -6.57 -3.16
C LYS B 177 16.57 -6.95 -4.66
N ASN B 178 15.44 -7.40 -5.17
CA ASN B 178 15.50 -8.00 -6.49
C ASN B 178 15.25 -7.02 -7.65
N ILE B 179 15.13 -5.73 -7.35
CA ILE B 179 14.98 -4.69 -8.35
C ILE B 179 16.33 -4.09 -8.81
N PRO B 180 16.68 -4.23 -10.10
CA PRO B 180 17.94 -3.58 -10.53
C PRO B 180 17.97 -2.13 -10.08
N LEU B 181 19.12 -1.77 -9.51
CA LEU B 181 19.26 -0.50 -8.87
C LEU B 181 18.98 0.61 -9.86
N GLU B 182 19.32 0.42 -11.12
CA GLU B 182 19.07 1.51 -12.08
C GLU B 182 17.56 1.68 -12.31
N ASP B 183 16.80 0.60 -12.07
CA ASP B 183 15.33 0.64 -12.13
C ASP B 183 14.78 1.24 -10.81
N LEU B 184 15.29 0.75 -9.67
CA LEU B 184 14.92 1.32 -8.38
C LEU B 184 15.27 2.80 -8.25
N LEU B 185 16.33 3.22 -8.91
N LEU B 185 16.33 3.20 -8.93
CA LEU B 185 16.77 4.61 -8.82
CA LEU B 185 16.80 4.55 -8.88
C LEU B 185 15.72 5.60 -9.30
C LEU B 185 15.74 5.58 -9.31
N LEU B 186 14.90 5.21 -10.27
CA LEU B 186 13.84 6.12 -10.74
C LEU B 186 12.76 6.33 -9.66
N PHE B 187 12.41 5.31 -8.90
CA PHE B 187 11.54 5.50 -7.76
C PHE B 187 12.18 6.31 -6.67
N ILE B 188 13.46 6.06 -6.38
CA ILE B 188 14.17 6.90 -5.40
C ILE B 188 14.22 8.37 -5.83
N LYS B 189 14.49 8.60 -7.08
CA LYS B 189 14.50 9.98 -7.59
C LYS B 189 13.10 10.68 -7.46
N ALA B 190 12.04 9.98 -7.81
CA ALA B 190 10.67 10.46 -7.59
C ALA B 190 10.31 10.85 -6.17
N TRP B 191 10.58 9.97 -5.19
CA TRP B 191 10.41 10.28 -3.79
C TRP B 191 11.34 11.39 -3.27
N ALA B 192 12.57 11.49 -3.78
CA ALA B 192 13.49 12.56 -3.35
C ALA B 192 12.93 13.91 -3.77
N ASN B 193 12.43 13.98 -5.00
CA ASN B 193 11.86 15.22 -5.53
C ASN B 193 10.57 15.55 -4.75
N PHE B 194 9.69 14.58 -4.60
CA PHE B 194 8.51 14.77 -3.78
C PHE B 194 8.87 15.39 -2.42
N ALA B 195 9.82 14.76 -1.70
CA ALA B 195 10.27 15.21 -0.38
C ALA B 195 10.75 16.67 -0.42
N GLN B 196 11.62 17.01 -1.37
CA GLN B 196 12.02 18.40 -1.55
C GLN B 196 10.94 19.38 -1.82
N LYS B 197 10.02 19.05 -2.74
CA LYS B 197 8.88 19.93 -3.03
C LYS B 197 8.01 20.18 -1.80
N ASN B 198 7.88 19.17 -0.95
CA ASN B 198 7.06 19.27 0.24
C ASN B 198 7.83 19.58 1.54
N LYS B 199 9.07 20.04 1.40
CA LYS B 199 9.89 20.33 2.57
C LYS B 199 9.86 19.19 3.61
N LEU B 200 10.02 17.95 3.14
CA LEU B 200 10.13 16.78 3.99
C LEU B 200 11.55 16.33 3.97
N ASP B 201 11.98 15.72 5.06
CA ASP B 201 13.26 15.05 5.08
C ASP B 201 13.13 13.71 4.36
N PHE B 202 14.09 13.38 3.50
CA PHE B 202 14.07 12.08 2.84
C PHE B 202 15.22 11.27 3.36
N VAL B 203 14.91 10.09 3.87
CA VAL B 203 15.88 9.14 4.41
C VAL B 203 15.92 7.90 3.53
N VAL B 204 17.11 7.43 3.14
CA VAL B 204 17.28 6.14 2.51
C VAL B 204 18.00 5.27 3.51
N GLU B 205 17.35 4.16 3.88
CA GLU B 205 17.92 3.21 4.81
C GLU B 205 18.42 2.02 4.05
N GLY B 206 19.26 1.25 4.70
CA GLY B 206 19.77 -0.04 4.18
C GLY B 206 20.88 0.12 3.16
N ILE B 207 21.61 1.22 3.23
CA ILE B 207 22.75 1.49 2.36
C ILE B 207 24.04 0.79 2.85
N GLU B 208 24.53 -0.14 2.05
CA GLU B 208 25.60 -1.02 2.48
C GLU B 208 26.93 -0.32 2.69
N THR B 209 27.24 0.65 1.84
CA THR B 209 28.48 1.37 2.00
C THR B 209 28.38 2.71 1.33
N LYS B 210 29.43 3.51 1.56
CA LYS B 210 29.58 4.83 0.97
C LYS B 210 29.68 4.71 -0.55
N GLU B 211 30.10 3.53 -1.02
CA GLU B 211 30.18 3.29 -2.47
C GLU B 211 28.78 3.47 -3.04
N THR B 212 27.83 2.80 -2.40
CA THR B 212 26.45 2.89 -2.84
C THR B 212 25.92 4.31 -2.84
N MSE B 213 26.34 5.10 -1.86
CA MSE B 213 25.92 6.50 -1.78
C MSE B 213 26.28 7.22 -3.02
O MSE B 213 25.47 7.93 -3.57
CB MSE B 213 26.58 7.24 -0.62
CG MSE B 213 25.77 7.17 0.61
SE MSE B 213 24.17 8.12 0.31
CE MSE B 213 24.42 9.41 1.76
N THR B 214 27.54 7.07 -3.44
CA THR B 214 27.96 7.77 -4.62
C THR B 214 27.17 7.30 -5.83
N LEU B 215 26.86 6.00 -5.83
CA LEU B 215 26.07 5.37 -6.90
C LEU B 215 24.72 6.05 -7.05
N LEU B 216 24.04 6.21 -5.91
CA LEU B 216 22.75 6.89 -5.86
C LEU B 216 22.89 8.36 -6.22
N GLU B 217 24.12 8.85 -6.11
CA GLU B 217 24.47 10.27 -6.23
C GLU B 217 24.57 10.73 -7.65
N SER B 218 25.05 9.86 -8.52
CA SER B 218 25.17 10.21 -9.92
C SER B 218 23.81 10.51 -10.47
N HIS B 219 22.87 9.62 -10.22
CA HIS B 219 21.59 9.70 -10.89
C HIS B 219 20.57 10.59 -10.19
N GLY B 220 21.05 11.80 -9.90
CA GLY B 220 20.23 12.93 -9.44
C GLY B 220 19.37 12.79 -8.21
N VAL B 221 19.86 12.10 -7.19
CA VAL B 221 19.21 12.13 -5.89
C VAL B 221 20.15 13.04 -5.12
N SER B 222 19.76 14.30 -4.86
CA SER B 222 20.72 15.28 -4.30
C SER B 222 20.61 15.45 -2.77
N ILE B 223 19.39 15.73 -2.29
CA ILE B 223 19.15 16.01 -0.86
C ILE B 223 18.52 14.80 -0.14
N PHE B 224 19.22 14.34 0.92
CA PHE B 224 18.76 13.27 1.75
C PHE B 224 19.78 12.86 2.83
N GLN B 225 19.30 12.06 3.75
CA GLN B 225 20.07 11.45 4.81
C GLN B 225 20.13 9.97 4.46
N GLY B 226 21.32 9.40 4.42
CA GLY B 226 21.51 7.98 4.21
C GLY B 226 21.84 7.28 5.53
N TYR B 227 21.25 6.10 5.74
CA TYR B 227 21.61 5.26 6.92
C TYR B 227 22.26 3.93 6.46
N LEU B 228 23.37 3.59 7.13
CA LEU B 228 24.04 2.32 6.95
C LEU B 228 23.20 1.14 7.46
N VAL B 229 23.49 -0.04 6.90
CA VAL B 229 22.98 -1.30 7.40
C VAL B 229 23.77 -1.62 8.67
N ASN B 230 23.07 -1.90 9.78
CA ASN B 230 23.69 -2.36 10.99
C ASN B 230 22.72 -3.20 11.85
N LYS B 231 23.25 -4.02 12.74
CA LYS B 231 22.44 -4.94 13.52
C LYS B 231 21.85 -4.23 14.72
N PRO B 232 20.54 -4.35 14.94
CA PRO B 232 19.96 -3.93 16.22
C PRO B 232 20.45 -4.82 17.38
N PHE B 233 20.29 -4.40 18.62
CA PHE B 233 20.72 -5.17 19.80
C PHE B 233 19.86 -4.82 21.00
N PRO B 234 19.89 -5.69 22.06
CA PRO B 234 19.05 -5.43 23.21
C PRO B 234 19.31 -4.06 23.84
N VAL B 235 18.21 -3.50 24.31
CA VAL B 235 18.23 -2.19 24.95
C VAL B 235 18.87 -2.22 26.30
CL CL C . 7.84 3.61 -21.68
CL CL D . -16.10 -2.71 -9.49
CL CL E . 4.01 3.14 -4.21
CL CL F . -3.16 14.01 -4.69
CA CA G . -10.35 -1.13 -12.27
AS CAC H . -6.86 -8.75 -26.98
O1 CAC H . -8.43 -9.47 -26.99
O2 CAC H . -6.94 -7.35 -25.97
C1 CAC H . -5.52 -10.00 -26.25
C2 CAC H . -6.34 -8.19 -28.81
CL CL I . 8.95 -2.47 15.98
CA CA J . 10.90 1.76 11.23
CL CL K . -10.47 1.37 21.54
AS CAC L . 16.88 16.47 16.70
O1 CAC L . 15.93 16.48 18.18
O2 CAC L . 16.85 14.84 16.14
C1 CAC L . 16.07 17.65 15.33
C2 CAC L . 18.74 17.01 17.04
#